data_9IWG
#
_entry.id   9IWG
#
_cell.length_a   26.348
_cell.length_b   117.816
_cell.length_c   125.621
_cell.angle_alpha   90.00
_cell.angle_beta   90.00
_cell.angle_gamma   90.00
#
_symmetry.space_group_name_H-M   'P 21 21 21'
#
loop_
_entity.id
_entity.type
_entity.pdbx_description
1 polymer 'xanthine-II ML2/3'
2 non-polymer "GUANOSINE-5'-TRIPHOSPHATE"
3 non-polymer 'MAGNESIUM ION'
4 non-polymer XANTHINE
5 water water
#
_entity_poly.entity_id   1
_entity_poly.type   'polyribonucleotide'
_entity_poly.pdbx_seq_one_letter_code
;GGUGUAUAAGCUCAUUAAUAUGGUGUGAGCGUUUCGACCAGGCAACCAUAAAUUGCCCCAGGCUACAUC
;
_entity_poly.pdbx_strand_id   A,B
#